data_4WLS
#
_entry.id   4WLS
#
_cell.length_a   52.194
_cell.length_b   63.653
_cell.length_c   130.205
_cell.angle_alpha   90.00
_cell.angle_beta   90.00
_cell.angle_gamma   90.00
#
_symmetry.space_group_name_H-M   'P 21 21 21'
#
loop_
_entity.id
_entity.type
_entity.pdbx_description
1 polymer 'HTH-type transcriptional regulator CueR'
2 polymer 'COPA PROMOTER DNA NON-TEMPLATE STRAND'
3 polymer 'COPA PROMOTER DNA TEMPLATE STRAND'
4 polymer 'COPA PROMOTER DNA TEMPLATE STRAND (ALTERNATE CONFORMATION)'
5 polymer 'COPA PROMOTER DNA NON-TEMPLATE STRAND (ALTERNATE CONFORMATION)'
6 water water
#
loop_
_entity_poly.entity_id
_entity_poly.type
_entity_poly.pdbx_seq_one_letter_code
_entity_poly.pdbx_strand_id
1 'polypeptide(L)'
;(MSE)NISDVAKITGLTSKAIRFYEEKGLVTPP(MSE)RSENGYRTYTQQHLNELTLLRQARQVGFNLEESGELVNLFND
PQRHSADVKRRTLEKVAEIERHIEELQS(MSE)RDQLLALANASPGDDSADSPIIENLSG
;
A,B
2 'polydeoxyribonucleotide'
;(DT)(DG)(DA)(DC)(DC)(DT)(DT)(DC)(DC)(DC)(DC)(DT)(DT)(DG)(DC)(DT)(DG)(DG)(DA)(DA)
(DG)(DG)(DT)(DT)(DT)(DA)
;
X
3 'polydeoxyribonucleotide'
;(DT)(DA)(DA)(DA)(DC)(DC)(DT)(DT)(DC)(DC)(DA)(DG)(DC)(DA)(DA)(DG)(DG)(DG)(DG)(DA)
(DA)(DG)(DG)(DT)(DC)(DA)
;
Y
4 'polydeoxyribonucleotide'
;(DA)(DA)(DA)(DC)(DC)(DT)(DT)(DC)(DC)(DA)(DG)(DC)(DA)(DA)(DG)(DG)(DG)(DG)(DA)(DA)
(DG)(DG)(DT)(DC)(DA)(DA)
;
U
5 'polydeoxyribonucleotide'
;(DT)(DT)(DG)(DA)(DC)(DC)(DT)(DT)(DC)(DC)(DC)(DC)(DT)(DT)(DG)(DC)(DT)(DG)(DG)(DA)
(DA)(DG)(DG)(DT)(DT)(DT)
;
V
#
loop_
_chem_comp.id
_chem_comp.type
_chem_comp.name
_chem_comp.formula
DA DNA linking 2'-DEOXYADENOSINE-5'-MONOPHOSPHATE 'C10 H14 N5 O6 P'
DC DNA linking 2'-DEOXYCYTIDINE-5'-MONOPHOSPHATE 'C9 H14 N3 O7 P'
DG DNA linking 2'-DEOXYGUANOSINE-5'-MONOPHOSPHATE 'C10 H14 N5 O7 P'
DT DNA linking THYMIDINE-5'-MONOPHOSPHATE 'C10 H15 N2 O8 P'
#
# COMPACT_ATOMS: atom_id res chain seq x y z
N MSE A 1 2.61 26.17 15.45
CA MSE A 1 2.71 24.73 15.47
C MSE A 1 4.05 24.25 14.91
O MSE A 1 4.36 24.46 13.74
CB MSE A 1 1.58 24.08 14.67
CG MSE A 1 1.70 22.55 14.68
SE MSE A 1 0.04 21.71 14.13
CE MSE A 1 -1.09 22.12 15.67
N ASN A 2 4.79 23.53 15.74
CA ASN A 2 6.09 22.99 15.40
C ASN A 2 5.99 21.57 14.92
N ILE A 3 7.10 21.00 14.47
CA ILE A 3 7.09 19.78 13.67
C ILE A 3 6.61 18.52 14.41
N SER A 4 6.89 18.39 15.70
CA SER A 4 6.48 17.19 16.41
CA SER A 4 6.49 17.21 16.45
C SER A 4 4.97 17.10 16.53
N ASP A 5 4.30 18.23 16.68
CA ASP A 5 2.86 18.18 16.76
C ASP A 5 2.26 17.80 15.42
N VAL A 6 2.86 18.33 14.36
CA VAL A 6 2.49 18.01 12.99
C VAL A 6 2.68 16.51 12.72
N ALA A 7 3.76 15.94 13.25
CA ALA A 7 4.03 14.53 13.04
C ALA A 7 2.90 13.71 13.69
N LYS A 8 2.54 14.08 14.91
CA LYS A 8 1.44 13.41 15.60
C LYS A 8 0.14 13.49 14.85
N ILE A 9 -0.22 14.68 14.43
CA ILE A 9 -1.48 14.90 13.75
C ILE A 9 -1.52 14.18 12.39
N THR A 10 -0.39 14.09 11.72
CA THR A 10 -0.38 13.56 10.38
C THR A 10 -0.08 12.08 10.26
N GLY A 11 0.54 11.50 11.27
CA GLY A 11 0.88 10.09 11.20
C GLY A 11 2.29 9.87 10.64
N LEU A 12 3.03 10.94 10.52
CA LEU A 12 4.39 10.85 10.02
C LEU A 12 5.42 11.01 11.13
N THR A 13 6.67 10.68 10.85
CA THR A 13 7.77 11.05 11.76
C THR A 13 8.25 12.45 11.39
N SER A 14 8.92 13.10 12.34
CA SER A 14 9.52 14.40 12.12
C SER A 14 10.51 14.28 10.99
N LYS A 15 11.25 13.18 11.00
CA LYS A 15 12.25 12.95 10.00
C LYS A 15 11.62 12.81 8.62
N ALA A 16 10.51 12.08 8.51
CA ALA A 16 9.86 11.96 7.21
C ALA A 16 9.41 13.33 6.69
N ILE A 17 8.86 14.13 7.59
CA ILE A 17 8.37 15.45 7.23
C ILE A 17 9.49 16.36 6.69
N ARG A 18 10.67 16.38 7.31
CA ARG A 18 11.78 17.17 6.79
C ARG A 18 12.25 16.58 5.47
N PHE A 19 12.24 15.25 5.38
CA PHE A 19 12.60 14.59 4.13
C PHE A 19 11.61 14.98 3.04
N TYR A 20 10.33 14.95 3.36
CA TYR A 20 9.35 15.31 2.33
C TYR A 20 9.54 16.77 1.88
N GLU A 21 9.94 17.63 2.80
CA GLU A 21 10.18 19.02 2.45
C GLU A 21 11.40 19.07 1.53
N GLU A 22 12.47 18.38 1.93
CA GLU A 22 13.70 18.32 1.14
C GLU A 22 13.44 17.87 -0.31
N LYS A 23 12.58 16.88 -0.47
CA LYS A 23 12.26 16.36 -1.81
C LYS A 23 11.31 17.25 -2.57
N GLY A 24 10.81 18.29 -1.92
CA GLY A 24 9.88 19.18 -2.60
C GLY A 24 8.54 18.53 -2.82
N LEU A 25 8.19 17.58 -1.96
CA LEU A 25 6.89 16.93 -2.03
C LEU A 25 5.79 17.70 -1.34
N VAL A 26 6.15 18.55 -0.39
CA VAL A 26 5.20 19.41 0.30
C VAL A 26 5.65 20.86 0.22
N THR A 27 4.73 21.78 0.40
CA THR A 27 5.05 23.19 0.50
C THR A 27 5.91 23.46 1.73
N PRO A 28 7.02 24.18 1.59
CA PRO A 28 7.88 24.45 2.75
C PRO A 28 7.15 25.18 3.87
N PRO A 29 7.52 24.89 5.13
CA PRO A 29 7.02 25.67 6.27
C PRO A 29 7.71 26.99 6.38
N MSE A 30 7.07 27.97 7.00
CA MSE A 30 7.74 29.18 7.45
C MSE A 30 8.75 28.77 8.51
O MSE A 30 8.76 27.63 8.97
CB MSE A 30 6.77 30.20 8.04
CG MSE A 30 5.98 31.03 7.03
SE MSE A 30 4.26 31.62 7.78
CE MSE A 30 3.70 32.91 6.44
N ARG A 31 9.63 29.68 8.89
CA ARG A 31 10.59 29.44 9.95
C ARG A 31 10.50 30.63 10.89
N SER A 32 10.34 30.37 12.18
CA SER A 32 10.34 31.48 13.13
CA SER A 32 10.35 31.47 13.14
C SER A 32 11.75 32.04 13.32
N GLU A 33 11.90 33.02 14.20
CA GLU A 33 13.22 33.61 14.40
C GLU A 33 14.26 32.63 14.90
N ASN A 34 13.85 31.70 15.77
CA ASN A 34 14.80 30.70 16.29
C ASN A 34 15.16 29.62 15.28
N GLY A 35 14.62 29.70 14.07
CA GLY A 35 14.95 28.74 13.02
C GLY A 35 13.95 27.59 12.92
N TYR A 36 12.99 27.56 13.85
CA TYR A 36 12.02 26.48 13.90
C TYR A 36 11.08 26.50 12.70
N ARG A 37 10.88 25.32 12.12
CA ARG A 37 9.84 25.17 11.11
C ARG A 37 8.52 25.43 11.81
N THR A 38 7.62 26.21 11.22
CA THR A 38 6.28 26.35 11.78
C THR A 38 5.27 26.11 10.68
N TYR A 39 4.10 25.57 11.05
CA TYR A 39 3.18 25.01 10.07
C TYR A 39 1.77 25.61 10.09
N THR A 40 1.10 25.54 8.96
CA THR A 40 -0.27 26.01 8.85
C THR A 40 -1.20 24.84 8.60
N GLN A 41 -2.49 25.14 8.50
CA GLN A 41 -3.48 24.12 8.28
C GLN A 41 -3.26 23.46 6.93
N GLN A 42 -2.92 24.24 5.92
CA GLN A 42 -2.64 23.67 4.62
C GLN A 42 -1.49 22.64 4.67
N HIS A 43 -0.47 22.88 5.50
CA HIS A 43 0.60 21.89 5.67
C HIS A 43 0.06 20.59 6.27
N LEU A 44 -0.87 20.71 7.21
CA LEU A 44 -1.47 19.51 7.78
C LEU A 44 -2.22 18.76 6.71
N ASN A 45 -3.02 19.48 5.91
CA ASN A 45 -3.79 18.85 4.85
C ASN A 45 -2.85 18.09 3.91
N GLU A 46 -1.77 18.74 3.49
CA GLU A 46 -0.88 18.10 2.55
C GLU A 46 -0.24 16.82 3.09
N LEU A 47 0.25 16.90 4.32
CA LEU A 47 1.02 15.82 4.89
C LEU A 47 0.16 14.65 5.27
N THR A 48 -1.02 14.96 5.79
CA THR A 48 -1.97 13.92 6.09
C THR A 48 -2.29 13.19 4.81
N LEU A 49 -2.53 13.95 3.76
CA LEU A 49 -2.79 13.33 2.46
C LEU A 49 -1.65 12.45 2.01
N LEU A 50 -0.41 12.94 2.10
CA LEU A 50 0.74 12.14 1.70
C LEU A 50 0.86 10.87 2.47
N ARG A 51 0.69 10.94 3.78
CA ARG A 51 0.77 9.79 4.63
C ARG A 51 -0.29 8.76 4.24
N GLN A 52 -1.53 9.21 4.03
CA GLN A 52 -2.60 8.25 3.65
C GLN A 52 -2.27 7.60 2.32
N ALA A 53 -1.75 8.38 1.37
CA ALA A 53 -1.46 7.85 0.06
C ALA A 53 -0.42 6.74 0.16
N ARG A 54 0.58 6.93 1.01
CA ARG A 54 1.69 5.99 1.11
C ARG A 54 1.20 4.73 1.78
N GLN A 55 0.29 4.91 2.72
CA GLN A 55 -0.22 3.85 3.56
C GLN A 55 -1.15 2.89 2.75
N VAL A 56 -1.73 3.38 1.66
CA VAL A 56 -2.48 2.54 0.71
C VAL A 56 -1.71 2.16 -0.60
N GLY A 57 -0.39 2.21 -0.58
CA GLY A 57 0.41 1.64 -1.67
C GLY A 57 0.97 2.56 -2.75
N PHE A 58 0.65 3.85 -2.73
CA PHE A 58 1.30 4.78 -3.65
C PHE A 58 2.78 5.03 -3.30
N ASN A 59 3.65 5.08 -4.30
CA ASN A 59 5.03 5.46 -3.98
C ASN A 59 5.09 6.94 -3.76
N LEU A 60 6.28 7.44 -3.45
CA LEU A 60 6.44 8.83 -3.13
C LEU A 60 6.06 9.74 -4.28
N GLU A 61 6.37 9.32 -5.50
CA GLU A 61 6.10 10.14 -6.67
C GLU A 61 4.60 10.31 -6.89
N GLU A 62 3.90 9.19 -6.86
CA GLU A 62 2.45 9.20 -7.04
C GLU A 62 1.77 9.96 -5.91
N SER A 63 2.26 9.76 -4.68
CA SER A 63 1.68 10.43 -3.52
C SER A 63 1.86 11.93 -3.63
N GLY A 64 3.00 12.40 -4.15
CA GLY A 64 3.19 13.82 -4.44
C GLY A 64 2.20 14.33 -5.47
N GLU A 65 1.93 13.50 -6.47
CA GLU A 65 0.96 13.89 -7.51
C GLU A 65 -0.41 14.13 -6.89
N LEU A 66 -0.77 13.26 -5.95
CA LEU A 66 -2.04 13.43 -5.25
C LEU A 66 -2.08 14.74 -4.52
N VAL A 67 -1.02 15.06 -3.80
CA VAL A 67 -0.98 16.33 -3.12
C VAL A 67 -1.10 17.50 -4.11
N ASN A 68 -0.38 17.44 -5.22
CA ASN A 68 -0.44 18.51 -6.23
C ASN A 68 -1.83 18.71 -6.80
N LEU A 69 -2.59 17.63 -6.85
CA LEU A 69 -3.93 17.65 -7.41
C LEU A 69 -4.79 18.61 -6.62
N PHE A 70 -4.76 18.47 -5.30
CA PHE A 70 -5.53 19.34 -4.42
C PHE A 70 -4.93 20.76 -4.30
N ASN A 71 -3.65 20.94 -4.61
CA ASN A 71 -3.01 22.26 -4.58
C ASN A 71 -3.20 23.07 -5.87
N ASP A 72 -3.58 22.38 -6.95
CA ASP A 72 -3.62 22.98 -8.28
C ASP A 72 -4.57 24.19 -8.39
N PRO A 73 -4.05 25.36 -8.83
CA PRO A 73 -4.86 26.57 -9.02
C PRO A 73 -5.97 26.37 -10.03
N GLN A 74 -5.73 25.45 -10.98
CA GLN A 74 -6.71 25.10 -12.02
C GLN A 74 -7.58 23.91 -11.56
N ARG A 75 -8.12 24.01 -10.35
CA ARG A 75 -8.88 22.92 -9.75
C ARG A 75 -9.96 22.37 -10.66
N HIS A 76 -10.66 23.26 -11.37
CA HIS A 76 -11.81 22.84 -12.14
C HIS A 76 -11.43 22.37 -13.56
N SER A 77 -10.15 22.33 -13.89
CA SER A 77 -9.76 22.02 -15.28
C SER A 77 -9.93 20.56 -15.66
N ALA A 78 -10.19 20.31 -16.93
CA ALA A 78 -10.31 18.96 -17.45
C ALA A 78 -9.08 18.12 -17.07
N ASP A 79 -7.92 18.75 -17.05
CA ASP A 79 -6.67 18.01 -16.81
C ASP A 79 -6.58 17.47 -15.38
N VAL A 80 -6.92 18.32 -14.43
CA VAL A 80 -6.92 17.97 -13.03
C VAL A 80 -7.95 16.87 -12.83
N LYS A 81 -9.11 17.01 -13.46
CA LYS A 81 -10.16 16.01 -13.35
C LYS A 81 -9.70 14.69 -13.95
N ARG A 82 -9.00 14.75 -15.09
CA ARG A 82 -8.48 13.52 -15.69
C ARG A 82 -7.54 12.80 -14.74
N ARG A 83 -6.58 13.56 -14.19
CA ARG A 83 -5.58 12.94 -13.32
C ARG A 83 -6.22 12.43 -12.02
N THR A 84 -7.31 13.06 -11.61
CA THR A 84 -8.02 12.61 -10.44
C THR A 84 -8.69 11.25 -10.64
N LEU A 85 -9.46 11.12 -11.72
CA LEU A 85 -10.21 9.88 -12.01
C LEU A 85 -9.25 8.72 -12.24
N GLU A 86 -8.08 9.02 -12.77
CA GLU A 86 -7.02 8.04 -12.91
C GLU A 86 -6.59 7.49 -11.53
N LYS A 87 -6.46 8.36 -10.53
CA LYS A 87 -6.15 7.86 -9.19
C LYS A 87 -7.37 7.11 -8.63
N VAL A 88 -8.55 7.63 -8.90
CA VAL A 88 -9.74 6.92 -8.52
C VAL A 88 -9.76 5.48 -9.05
N ALA A 89 -9.43 5.27 -10.32
CA ALA A 89 -9.56 3.93 -10.86
C ALA A 89 -8.56 2.98 -10.23
N GLU A 90 -7.33 3.44 -10.04
CA GLU A 90 -6.31 2.64 -9.35
C GLU A 90 -6.78 2.22 -7.95
N ILE A 91 -7.31 3.17 -7.20
CA ILE A 91 -7.82 2.87 -5.88
C ILE A 91 -8.91 1.84 -5.99
N GLU A 92 -9.71 1.95 -7.04
CA GLU A 92 -10.79 0.99 -7.17
C GLU A 92 -10.27 -0.43 -7.49
N ARG A 93 -9.18 -0.53 -8.23
CA ARG A 93 -8.57 -1.81 -8.49
C ARG A 93 -8.04 -2.36 -7.14
N HIS A 94 -7.57 -1.49 -6.26
CA HIS A 94 -7.06 -1.99 -4.97
C HIS A 94 -8.17 -2.56 -4.08
N ILE A 95 -9.27 -1.82 -4.00
CA ILE A 95 -10.42 -2.28 -3.22
C ILE A 95 -10.87 -3.67 -3.72
N GLU A 96 -10.96 -3.85 -5.04
CA GLU A 96 -11.37 -5.12 -5.63
C GLU A 96 -10.42 -6.23 -5.18
N GLU A 97 -9.13 -5.95 -5.19
CA GLU A 97 -8.12 -6.91 -4.72
C GLU A 97 -8.23 -7.21 -3.21
N LEU A 98 -8.42 -6.17 -2.41
CA LEU A 98 -8.61 -6.35 -0.98
C LEU A 98 -9.85 -7.21 -0.71
N GLN A 99 -10.93 -6.94 -1.43
CA GLN A 99 -12.13 -7.74 -1.23
C GLN A 99 -11.96 -9.18 -1.67
N SER A 100 -11.20 -9.41 -2.74
CA SER A 100 -10.81 -10.75 -3.14
C SER A 100 -10.02 -11.45 -1.98
N MSE A 101 -9.06 -10.74 -1.38
CA MSE A 101 -8.31 -11.28 -0.24
C MSE A 101 -9.25 -11.55 0.94
O MSE A 101 -9.17 -12.59 1.60
CB MSE A 101 -7.19 -10.32 0.19
CG MSE A 101 -6.20 -9.99 -0.91
SE MSE A 101 -4.84 -8.78 -0.22
CE MSE A 101 -4.71 -9.62 1.50
N ARG A 102 -10.14 -10.59 1.20
CA ARG A 102 -11.08 -10.72 2.30
C ARG A 102 -11.90 -12.02 2.18
N ASP A 103 -12.37 -12.32 0.98
CA ASP A 103 -13.19 -13.50 0.74
C ASP A 103 -12.39 -14.77 1.01
N GLN A 104 -11.17 -14.83 0.48
CA GLN A 104 -10.28 -15.95 0.68
C GLN A 104 -9.99 -16.20 2.15
N LEU A 105 -9.74 -15.13 2.92
CA LEU A 105 -9.44 -15.30 4.35
C LEU A 105 -10.70 -15.82 5.05
N LEU A 106 -11.84 -15.27 4.69
CA LEU A 106 -13.10 -15.72 5.30
C LEU A 106 -13.41 -17.19 4.96
N ALA A 107 -13.12 -17.60 3.73
CA ALA A 107 -13.26 -19.01 3.35
C ALA A 107 -12.26 -19.87 4.14
N LEU A 108 -11.05 -19.36 4.37
CA LEU A 108 -10.10 -20.10 5.23
C LEU A 108 -10.67 -20.27 6.64
N ALA A 109 -11.21 -19.21 7.19
CA ALA A 109 -11.72 -19.20 8.56
C ALA A 109 -12.97 -20.06 8.72
N ASN A 110 -13.76 -20.16 7.66
CA ASN A 110 -15.02 -20.91 7.69
C ASN A 110 -14.92 -22.40 7.33
N ALA A 111 -13.72 -22.88 7.04
CA ALA A 111 -13.50 -24.31 6.77
C ALA A 111 -13.94 -25.19 7.93
N MSE B 1 6.85 -24.74 -15.17
CA MSE B 1 6.72 -23.31 -15.31
C MSE B 1 7.96 -22.57 -14.83
O MSE B 1 8.36 -22.71 -13.68
CB MSE B 1 5.51 -22.82 -14.55
CG MSE B 1 5.13 -21.41 -14.84
SE MSE B 1 3.34 -21.09 -14.18
CE MSE B 1 2.23 -21.84 -15.62
N ASN B 2 8.56 -21.80 -15.71
CA ASN B 2 9.71 -20.98 -15.40
C ASN B 2 9.32 -19.61 -14.87
N ILE B 3 10.30 -18.84 -14.42
CA ILE B 3 10.03 -17.66 -13.62
C ILE B 3 9.31 -16.52 -14.36
N SER B 4 9.60 -16.29 -15.63
CA SER B 4 8.97 -15.22 -16.39
CA SER B 4 8.95 -15.20 -16.32
C SER B 4 7.48 -15.52 -16.59
N ASP B 5 7.14 -16.79 -16.63
CA ASP B 5 5.75 -17.22 -16.76
C ASP B 5 4.95 -16.98 -15.48
N VAL B 6 5.62 -17.25 -14.36
CA VAL B 6 5.10 -16.96 -13.05
C VAL B 6 4.86 -15.45 -12.95
N ALA B 7 5.78 -14.70 -13.53
CA ALA B 7 5.77 -13.26 -13.46
C ALA B 7 4.54 -12.70 -14.15
N LYS B 8 4.25 -13.18 -15.33
CA LYS B 8 3.05 -12.77 -16.07
C LYS B 8 1.75 -13.13 -15.35
N ILE B 9 1.69 -14.33 -14.77
CA ILE B 9 0.50 -14.74 -14.03
C ILE B 9 0.34 -13.98 -12.73
N THR B 10 1.42 -13.73 -12.01
CA THR B 10 1.26 -13.18 -10.67
C THR B 10 1.25 -11.66 -10.66
N GLY B 11 1.81 -11.03 -11.69
CA GLY B 11 1.86 -9.58 -11.70
C GLY B 11 3.12 -9.06 -11.04
N LEU B 12 4.04 -9.94 -10.71
CA LEU B 12 5.32 -9.53 -10.13
C LEU B 12 6.39 -9.56 -11.20
N THR B 13 7.54 -8.91 -10.96
CA THR B 13 8.67 -9.11 -11.87
C THR B 13 9.49 -10.31 -11.43
N SER B 14 10.27 -10.86 -12.35
CA SER B 14 11.17 -11.96 -12.07
C SER B 14 12.13 -11.59 -10.94
N LYS B 15 12.70 -10.39 -11.01
CA LYS B 15 13.62 -9.95 -9.98
CA LYS B 15 13.60 -9.89 -9.98
C LYS B 15 12.94 -9.91 -8.61
N ALA B 16 11.70 -9.41 -8.55
CA ALA B 16 10.98 -9.40 -7.28
C ALA B 16 10.76 -10.82 -6.76
N ILE B 17 10.42 -11.74 -7.66
CA ILE B 17 10.18 -13.14 -7.32
C ILE B 17 11.40 -13.84 -6.72
N ARG B 18 12.58 -13.62 -7.31
CA ARG B 18 13.80 -14.15 -6.71
C ARG B 18 14.10 -13.51 -5.37
N PHE B 19 13.85 -12.21 -5.27
CA PHE B 19 14.05 -11.49 -4.03
C PHE B 19 13.16 -12.05 -2.93
N TYR B 20 11.88 -12.28 -3.23
CA TYR B 20 10.99 -12.83 -2.21
C TYR B 20 11.48 -14.20 -1.80
N GLU B 21 12.03 -14.95 -2.75
CA GLU B 21 12.58 -16.26 -2.45
C GLU B 21 13.79 -16.11 -1.54
N GLU B 22 14.69 -15.19 -1.89
CA GLU B 22 15.88 -14.90 -1.09
C GLU B 22 15.51 -14.53 0.36
N LYS B 23 14.47 -13.72 0.53
CA LYS B 23 14.04 -13.29 1.86
C LYS B 23 13.28 -14.38 2.62
N GLY B 24 12.99 -15.49 1.95
CA GLY B 24 12.26 -16.57 2.56
C GLY B 24 10.80 -16.26 2.80
N LEU B 25 10.26 -15.32 2.03
CA LEU B 25 8.85 -14.98 2.07
C LEU B 25 7.96 -15.90 1.26
N VAL B 26 8.54 -16.63 0.31
CA VAL B 26 7.77 -17.63 -0.42
C VAL B 26 8.48 -18.97 -0.36
N THR B 27 7.70 -20.03 -0.54
CA THR B 27 8.28 -21.35 -0.62
C THR B 27 9.26 -21.39 -1.79
N PRO B 28 10.48 -21.89 -1.57
CA PRO B 28 11.44 -21.95 -2.68
C PRO B 28 10.88 -22.79 -3.84
N PRO B 29 11.19 -22.42 -5.07
CA PRO B 29 10.87 -23.27 -6.21
C PRO B 29 11.84 -24.43 -6.31
N MSE B 30 11.47 -25.41 -7.11
CA MSE B 30 12.37 -26.48 -7.49
C MSE B 30 13.33 -25.94 -8.52
O MSE B 30 13.17 -24.83 -9.00
CB MSE B 30 11.60 -27.67 -8.05
CG MSE B 30 10.76 -28.43 -7.06
SE MSE B 30 9.71 -29.80 -8.01
CE MSE B 30 9.62 -31.14 -6.61
N ARG B 31 14.34 -26.73 -8.85
CA ARG B 31 15.31 -26.37 -9.86
C ARG B 31 15.42 -27.55 -10.77
N SER B 32 15.29 -27.32 -12.07
CA SER B 32 15.46 -28.39 -13.02
C SER B 32 16.96 -28.63 -13.17
N GLU B 33 17.33 -29.59 -14.03
CA GLU B 33 18.69 -30.07 -14.14
C GLU B 33 19.60 -28.93 -14.62
N ASN B 34 19.06 -28.12 -15.53
CA ASN B 34 19.78 -26.98 -16.06
C ASN B 34 19.88 -25.80 -15.09
N GLY B 35 19.31 -25.94 -13.91
CA GLY B 35 19.44 -24.91 -12.91
C GLY B 35 18.31 -23.91 -12.87
N TYR B 36 17.39 -24.04 -13.81
CA TYR B 36 16.24 -23.14 -13.91
C TYR B 36 15.28 -23.30 -12.71
N ARG B 37 14.82 -22.20 -12.13
CA ARG B 37 13.76 -22.31 -11.13
C ARG B 37 12.49 -22.82 -11.80
N THR B 38 11.80 -23.77 -11.21
CA THR B 38 10.52 -24.13 -11.78
C THR B 38 9.45 -24.10 -10.68
N TYR B 39 8.23 -23.76 -11.05
CA TYR B 39 7.23 -23.39 -10.05
C TYR B 39 5.96 -24.22 -10.09
N THR B 40 5.27 -24.35 -8.96
CA THR B 40 4.01 -25.09 -8.90
C THR B 40 2.81 -24.19 -8.61
N GLN B 41 1.64 -24.80 -8.42
CA GLN B 41 0.42 -24.03 -8.16
C GLN B 41 0.53 -23.33 -6.83
N GLN B 42 1.17 -23.98 -5.85
CA GLN B 42 1.37 -23.38 -4.54
C GLN B 42 2.11 -22.08 -4.65
N HIS B 43 3.14 -22.06 -5.50
CA HIS B 43 3.92 -20.85 -5.69
C HIS B 43 3.08 -19.74 -6.30
N LEU B 44 2.24 -20.05 -7.30
CA LEU B 44 1.43 -19.03 -7.93
C LEU B 44 0.53 -18.43 -6.84
N ASN B 45 -0.04 -19.29 -5.99
CA ASN B 45 -0.91 -18.82 -4.93
C ASN B 45 -0.22 -17.83 -3.99
N GLU B 46 0.98 -18.17 -3.52
CA GLU B 46 1.71 -17.33 -2.59
C GLU B 46 2.06 -16.00 -3.23
N LEU B 47 2.60 -16.05 -4.44
CA LEU B 47 3.14 -14.87 -5.10
C LEU B 47 2.07 -13.88 -5.52
N THR B 48 0.91 -14.37 -5.95
CA THR B 48 -0.21 -13.49 -6.22
C THR B 48 -0.68 -12.75 -4.97
N LEU B 49 -0.77 -13.49 -3.90
CA LEU B 49 -1.17 -12.96 -2.62
C LEU B 49 -0.18 -11.90 -2.21
N LEU B 50 1.11 -12.22 -2.33
CA LEU B 50 2.16 -11.28 -1.98
C LEU B 50 2.07 -10.04 -2.91
N ARG B 51 1.83 -10.27 -4.20
CA ARG B 51 1.69 -9.11 -5.11
C ARG B 51 0.51 -8.23 -4.69
N GLN B 52 -0.62 -8.85 -4.38
CA GLN B 52 -1.80 -8.11 -3.93
C GLN B 52 -1.55 -7.33 -2.64
N ALA B 53 -0.94 -7.97 -1.66
CA ALA B 53 -0.70 -7.29 -0.40
C ALA B 53 0.24 -6.09 -0.56
N ARG B 54 1.25 -6.25 -1.38
CA ARG B 54 2.20 -5.16 -1.48
C ARG B 54 1.58 -4.00 -2.25
N GLN B 55 0.73 -4.35 -3.21
CA GLN B 55 0.15 -3.42 -4.15
C GLN B 55 -0.74 -2.44 -3.40
N VAL B 56 -1.37 -2.93 -2.32
CA VAL B 56 -2.25 -2.09 -1.53
C VAL B 56 -1.62 -1.56 -0.24
N GLY B 57 -0.31 -1.58 -0.15
CA GLY B 57 0.37 -0.91 0.94
C GLY B 57 0.88 -1.68 2.15
N PHE B 58 0.60 -2.96 2.25
CA PHE B 58 1.14 -3.73 3.36
C PHE B 58 2.64 -3.89 3.18
N ASN B 59 3.39 -3.84 4.28
CA ASN B 59 4.83 -4.05 4.17
C ASN B 59 5.14 -5.55 4.00
N LEU B 60 6.42 -5.88 3.81
CA LEU B 60 6.82 -7.26 3.56
C LEU B 60 6.51 -8.19 4.71
N GLU B 61 6.63 -7.68 5.93
CA GLU B 61 6.36 -8.50 7.08
C GLU B 61 4.87 -8.86 7.12
N GLU B 62 4.02 -7.86 6.97
CA GLU B 62 2.57 -8.10 7.00
C GLU B 62 2.13 -9.04 5.90
N SER B 63 2.71 -8.85 4.71
CA SER B 63 2.38 -9.64 3.53
C SER B 63 2.74 -11.10 3.72
N GLY B 64 3.93 -11.32 4.26
CA GLY B 64 4.38 -12.66 4.62
C GLY B 64 3.47 -13.30 5.65
N GLU B 65 2.96 -12.50 6.59
CA GLU B 65 2.01 -13.03 7.55
C GLU B 65 0.74 -13.54 6.84
N LEU B 66 0.25 -12.83 5.83
CA LEU B 66 -0.93 -13.31 5.07
C LEU B 66 -0.67 -14.67 4.41
N VAL B 67 0.48 -14.81 3.76
CA VAL B 67 0.89 -16.07 3.15
C VAL B 67 1.00 -17.23 4.18
N ASN B 68 1.61 -16.98 5.34
CA ASN B 68 1.73 -18.02 6.36
C ASN B 68 0.38 -18.56 6.85
N LEU B 69 -0.64 -17.71 6.83
CA LEU B 69 -1.94 -18.16 7.33
C LEU B 69 -2.42 -19.34 6.51
N PHE B 70 -2.41 -19.16 5.19
CA PHE B 70 -2.89 -20.17 4.25
C PHE B 70 -1.95 -21.40 4.19
N ASN B 71 -0.69 -21.23 4.58
CA ASN B 71 0.28 -22.35 4.61
C ASN B 71 0.25 -23.18 5.90
N ASP B 72 -0.33 -22.61 6.95
CA ASP B 72 -0.19 -23.20 8.28
C ASP B 72 -0.71 -24.64 8.33
N PRO B 73 0.13 -25.54 8.86
CA PRO B 73 -0.17 -26.97 9.02
C PRO B 73 -1.37 -27.23 9.92
N GLN B 74 -1.63 -26.34 10.88
CA GLN B 74 -2.79 -26.47 11.77
C GLN B 74 -3.99 -25.68 11.27
N ARG B 75 -4.28 -25.89 10.00
CA ARG B 75 -5.28 -25.12 9.28
C ARG B 75 -6.65 -25.00 9.96
N HIS B 76 -7.22 -26.14 10.36
CA HIS B 76 -8.61 -26.15 10.82
C HIS B 76 -8.77 -25.86 12.30
N SER B 77 -7.65 -25.53 12.93
CA SER B 77 -7.56 -25.30 14.38
C SER B 77 -8.20 -23.97 14.80
N ALA B 78 -8.72 -23.93 16.03
CA ALA B 78 -9.23 -22.70 16.62
C ALA B 78 -8.22 -21.57 16.52
N ASP B 79 -6.94 -21.90 16.70
CA ASP B 79 -5.93 -20.87 16.76
C ASP B 79 -5.78 -20.16 15.42
N VAL B 80 -5.76 -20.93 14.35
CA VAL B 80 -5.60 -20.36 13.03
C VAL B 80 -6.82 -19.53 12.65
N LYS B 81 -8.01 -20.00 13.02
CA LYS B 81 -9.24 -19.32 12.65
C LYS B 81 -9.29 -17.96 13.31
N ARG B 82 -8.88 -17.93 14.57
CA ARG B 82 -8.84 -16.69 15.32
CA ARG B 82 -8.82 -16.70 15.33
C ARG B 82 -7.85 -15.72 14.67
N ARG B 83 -6.72 -16.21 14.25
CA ARG B 83 -5.76 -15.32 13.63
C ARG B 83 -6.20 -14.85 12.23
N THR B 84 -6.99 -15.69 11.57
CA THR B 84 -7.49 -15.38 10.25
C THR B 84 -8.48 -14.23 10.37
N LEU B 85 -9.44 -14.32 11.30
CA LEU B 85 -10.46 -13.26 11.42
C LEU B 85 -9.82 -11.98 11.86
N GLU B 86 -8.72 -12.14 12.59
CA GLU B 86 -7.97 -11.00 12.99
C GLU B 86 -7.42 -10.27 11.75
N LYS B 87 -6.86 -11.02 10.80
CA LYS B 87 -6.38 -10.40 9.55
C LYS B 87 -7.52 -9.85 8.71
N VAL B 88 -8.67 -10.53 8.72
CA VAL B 88 -9.83 -9.97 8.01
C VAL B 88 -10.14 -8.54 8.51
N ALA B 89 -10.05 -8.27 9.81
CA ALA B 89 -10.36 -6.92 10.32
C ALA B 89 -9.38 -5.88 9.79
N GLU B 90 -8.10 -6.23 9.76
CA GLU B 90 -7.07 -5.35 9.20
C GLU B 90 -7.39 -5.03 7.74
N ILE B 91 -7.72 -6.06 6.97
CA ILE B 91 -8.07 -5.83 5.56
C ILE B 91 -9.30 -4.94 5.41
N GLU B 92 -10.26 -5.10 6.31
CA GLU B 92 -11.46 -4.28 6.29
C GLU B 92 -11.13 -2.85 6.70
N ARG B 93 -10.18 -2.69 7.62
CA ARG B 93 -9.79 -1.35 7.98
CA ARG B 93 -9.68 -1.37 8.00
C ARG B 93 -9.12 -0.73 6.76
N HIS B 94 -8.30 -1.51 6.07
CA HIS B 94 -7.62 -1.03 4.85
C HIS B 94 -8.60 -0.67 3.72
N ILE B 95 -9.60 -1.51 3.52
CA ILE B 95 -10.64 -1.17 2.56
C ILE B 95 -11.28 0.17 2.89
N GLU B 96 -11.62 0.38 4.15
CA GLU B 96 -12.27 1.63 4.54
C GLU B 96 -11.38 2.83 4.26
N GLU B 97 -10.08 2.70 4.48
CA GLU B 97 -9.17 3.79 4.16
C GLU B 97 -9.16 4.11 2.66
N LEU B 98 -9.12 3.07 1.85
CA LEU B 98 -9.16 3.28 0.40
C LEU B 98 -10.44 3.94 -0.01
N GLN B 99 -11.57 3.50 0.54
CA GLN B 99 -12.85 4.08 0.15
C GLN B 99 -12.91 5.56 0.57
N SER B 100 -12.33 5.88 1.73
CA SER B 100 -12.23 7.26 2.19
C SER B 100 -11.42 8.14 1.24
N MSE B 101 -10.30 7.64 0.78
CA MSE B 101 -9.53 8.43 -0.15
CA MSE B 101 -9.49 8.39 -0.17
C MSE B 101 -10.24 8.54 -1.49
O MSE B 101 -10.26 9.62 -2.09
CB MSE B 101 -8.17 7.83 -0.34
CB MSE B 101 -8.16 7.71 -0.41
CG MSE B 101 -7.43 8.47 -1.45
CG MSE B 101 -7.37 8.33 -1.55
SE MSE B 101 -5.67 7.86 -1.24
SE MSE B 101 -6.49 9.97 -1.03
CE MSE B 101 -4.76 9.58 -1.20
CE MSE B 101 -5.55 9.23 0.50
N ARG B 102 -10.80 7.44 -1.96
CA ARG B 102 -11.64 7.48 -3.15
C ARG B 102 -12.66 8.59 -3.06
N ASP B 103 -13.28 8.74 -1.88
CA ASP B 103 -14.34 9.73 -1.64
C ASP B 103 -13.84 11.16 -1.74
N GLN B 104 -12.71 11.45 -1.14
CA GLN B 104 -12.06 12.74 -1.26
C GLN B 104 -11.73 13.11 -2.71
N LEU B 105 -11.20 12.15 -3.43
CA LEU B 105 -10.83 12.38 -4.82
C LEU B 105 -12.05 12.66 -5.68
N LEU B 106 -13.12 11.91 -5.44
CA LEU B 106 -14.32 12.10 -6.23
C LEU B 106 -14.94 13.47 -5.92
N ALA B 107 -14.80 13.91 -4.67
CA ALA B 107 -15.28 15.24 -4.29
C ALA B 107 -14.47 16.29 -5.03
N LEU B 108 -13.17 16.09 -5.14
CA LEU B 108 -12.36 17.00 -5.92
C LEU B 108 -12.81 17.03 -7.37
N ALA B 109 -13.09 15.85 -7.92
CA ALA B 109 -13.46 15.69 -9.32
C ALA B 109 -14.82 16.30 -9.64
N ASN B 110 -15.73 16.27 -8.68
CA ASN B 110 -17.08 16.79 -8.86
C ASN B 110 -17.18 18.26 -8.51
N ALA B 111 -16.08 18.85 -8.07
CA ALA B 111 -16.03 20.28 -7.78
C ALA B 111 -16.41 21.12 -9.01
#